data_5L07
#
_entry.id   5L07
#
_cell.length_a   64.371
_cell.length_b   123.399
_cell.length_c   106.907
_cell.angle_alpha   90.00
_cell.angle_beta   90.00
_cell.angle_gamma   90.00
#
_symmetry.space_group_name_H-M   'C 2 2 21'
#
loop_
_entity.id
_entity.type
_entity.pdbx_description
1 polymer 'Quorum-sensing transcriptional activator'
2 non-polymer 'SULFATE ION'
3 non-polymer 'ACETIC ACID'
4 non-polymer 1,2-ETHANEDIOL
5 water water
#
_entity_poly.entity_id   1
_entity_poly.type   'polypeptide(L)'
_entity_poly.pdbx_seq_one_letter_code
;(MSE)IIDYFDNESINEDIKNYIQRRIKAYGDLRYSYLV(MSE)NKKTPLHPTIISNYPLDWVKKYKKNSYHLIDPVILT
AKDKVAPFAWDDNSVINKKSTDSAVFKLAREYNIVNGYTFVLHDNSNN(MSE)ATLNISNGSDDSISFDESIEINKEKIQ
(MSE)LLILTHEK(MSE)LGLYQSNSDKNENRNPKIERD
;
_entity_poly.pdbx_strand_id   A,B
#
# COMPACT_ATOMS: atom_id res chain seq x y z
N TYR A 5 -19.37 -7.38 -0.08
CA TYR A 5 -19.36 -8.78 0.31
C TYR A 5 -18.50 -9.61 -0.63
N PHE A 6 -17.39 -10.14 -0.11
CA PHE A 6 -16.51 -11.02 -0.88
C PHE A 6 -16.87 -12.46 -0.51
N ASP A 7 -17.95 -12.97 -1.10
CA ASP A 7 -18.49 -14.28 -0.77
C ASP A 7 -18.18 -15.37 -1.78
N ASN A 8 -17.69 -15.03 -2.96
CA ASN A 8 -17.40 -16.02 -3.99
C ASN A 8 -16.32 -17.00 -3.52
N GLU A 9 -16.74 -18.23 -3.18
CA GLU A 9 -15.76 -19.21 -2.71
C GLU A 9 -14.82 -19.63 -3.82
N SER A 10 -15.28 -19.62 -5.07
CA SER A 10 -14.41 -19.98 -6.19
C SER A 10 -13.29 -18.94 -6.36
N ILE A 11 -13.62 -17.66 -6.26
CA ILE A 11 -12.59 -16.63 -6.28
C ILE A 11 -11.70 -16.75 -5.05
N ASN A 12 -12.32 -16.80 -3.86
CA ASN A 12 -11.54 -16.92 -2.63
C ASN A 12 -10.65 -18.15 -2.62
N GLU A 13 -11.09 -19.26 -3.24
CA GLU A 13 -10.21 -20.41 -3.41
C GLU A 13 -9.03 -20.06 -4.29
N ASP A 14 -9.28 -19.35 -5.40
CA ASP A 14 -8.19 -18.96 -6.29
C ASP A 14 -7.23 -17.98 -5.62
N ILE A 15 -7.75 -17.10 -4.76
CA ILE A 15 -6.88 -16.21 -3.98
C ILE A 15 -6.01 -17.03 -3.04
N LYS A 16 -6.60 -18.05 -2.41
CA LYS A 16 -5.87 -18.89 -1.48
C LYS A 16 -4.71 -19.61 -2.18
N ASN A 17 -4.92 -20.17 -3.37
N ASN A 17 -4.99 -20.22 -3.33
CA ASN A 17 -3.77 -20.84 -3.97
CA ASN A 17 -3.95 -20.81 -4.17
C ASN A 17 -2.84 -19.86 -4.70
C ASN A 17 -2.85 -19.80 -4.44
N TYR A 18 -3.25 -18.60 -4.88
CA TYR A 18 -2.28 -17.59 -5.28
C TYR A 18 -1.34 -17.26 -4.12
N ILE A 19 -1.89 -17.16 -2.91
CA ILE A 19 -1.09 -16.76 -1.75
C ILE A 19 -0.17 -17.88 -1.30
N GLN A 20 -0.66 -19.12 -1.33
CA GLN A 20 0.10 -20.21 -0.75
C GLN A 20 1.29 -20.57 -1.62
N ARG A 21 1.15 -20.46 -2.94
CA ARG A 21 2.31 -20.71 -3.80
C ARG A 21 3.42 -19.69 -3.54
N ARG A 22 3.04 -18.47 -3.20
CA ARG A 22 4.04 -17.42 -3.06
C ARG A 22 4.49 -17.24 -1.64
N ILE A 23 3.61 -17.45 -0.66
CA ILE A 23 3.99 -17.17 0.71
C ILE A 23 4.94 -18.23 1.24
N LYS A 24 4.93 -19.44 0.65
CA LYS A 24 5.82 -20.51 1.05
C LYS A 24 7.29 -20.18 0.76
N ALA A 25 7.55 -19.18 -0.08
CA ALA A 25 8.92 -18.83 -0.40
C ALA A 25 9.66 -18.20 0.77
N TYR A 26 8.94 -17.68 1.77
CA TYR A 26 9.58 -17.01 2.91
C TYR A 26 9.69 -17.93 4.12
N GLY A 27 9.32 -19.20 3.99
CA GLY A 27 9.43 -20.17 5.06
C GLY A 27 8.15 -20.94 5.21
N ASP A 28 8.04 -21.66 6.33
CA ASP A 28 6.79 -22.33 6.70
C ASP A 28 5.97 -21.36 7.54
N LEU A 29 5.10 -20.62 6.87
CA LEU A 29 4.35 -19.54 7.48
C LEU A 29 2.89 -19.92 7.64
N ARG A 30 2.29 -19.48 8.73
CA ARG A 30 0.85 -19.42 8.87
C ARG A 30 0.40 -18.00 8.55
N TYR A 31 -0.83 -17.84 8.09
CA TYR A 31 -1.25 -16.51 7.69
C TYR A 31 -2.76 -16.42 7.75
N SER A 32 -3.24 -15.18 7.81
CA SER A 32 -4.62 -14.87 7.46
C SER A 32 -4.63 -13.57 6.67
N TYR A 33 -5.35 -13.60 5.55
CA TYR A 33 -5.62 -12.43 4.73
C TYR A 33 -7.04 -12.00 5.06
N LEU A 34 -7.15 -10.87 5.75
CA LEU A 34 -8.43 -10.39 6.30
C LEU A 34 -8.79 -9.08 5.62
N VAL A 35 -9.99 -9.02 5.02
CA VAL A 35 -10.49 -7.82 4.36
C VAL A 35 -11.77 -7.39 5.05
N ASN A 37 -14.72 -4.01 5.48
CA ASN A 37 -15.31 -2.76 5.02
C ASN A 37 -16.31 -2.27 6.06
N LYS A 38 -16.29 -0.97 6.34
CA LYS A 38 -17.16 -0.47 7.41
C LYS A 38 -18.63 -0.52 7.03
N LYS A 39 -18.97 -0.76 5.77
CA LYS A 39 -20.36 -0.97 5.39
C LYS A 39 -20.87 -2.37 5.73
N THR A 40 -19.99 -3.32 6.04
CA THR A 40 -20.37 -4.67 6.44
C THR A 40 -19.47 -5.11 7.59
N PRO A 41 -19.51 -4.40 8.72
CA PRO A 41 -18.48 -4.60 9.76
C PRO A 41 -18.53 -5.98 10.40
N LEU A 42 -19.64 -6.68 10.37
CA LEU A 42 -19.75 -7.95 11.05
C LEU A 42 -19.60 -9.14 10.10
N HIS A 43 -19.18 -8.89 8.87
CA HIS A 43 -18.95 -9.96 7.90
C HIS A 43 -17.65 -9.71 7.17
N PRO A 44 -16.52 -9.83 7.87
CA PRO A 44 -15.23 -9.73 7.19
C PRO A 44 -14.91 -11.02 6.47
N THR A 45 -14.01 -10.92 5.51
CA THR A 45 -13.59 -12.06 4.71
C THR A 45 -12.23 -12.50 5.21
N ILE A 46 -12.09 -13.82 5.44
CA ILE A 46 -10.85 -14.41 5.96
C ILE A 46 -10.41 -15.52 5.02
N ILE A 47 -9.23 -15.35 4.44
CA ILE A 47 -8.54 -16.41 3.70
C ILE A 47 -7.28 -16.74 4.48
N SER A 48 -7.16 -17.98 4.95
CA SER A 48 -6.16 -18.31 5.95
C SER A 48 -5.85 -19.80 5.94
N ASN A 49 -4.66 -20.14 6.42
CA ASN A 49 -4.31 -21.53 6.70
C ASN A 49 -4.19 -21.79 8.20
N TYR A 50 -4.82 -20.95 9.01
CA TYR A 50 -4.89 -21.20 10.45
C TYR A 50 -5.83 -22.36 10.71
N PRO A 51 -5.71 -23.01 11.89
CA PRO A 51 -6.70 -24.03 12.28
C PRO A 51 -8.11 -23.58 11.95
N LEU A 52 -8.89 -24.49 11.34
CA LEU A 52 -10.16 -24.10 10.76
C LEU A 52 -11.08 -23.49 11.80
N ASP A 53 -11.17 -24.07 12.99
CA ASP A 53 -12.12 -23.58 13.97
C ASP A 53 -11.60 -22.39 14.78
N TRP A 54 -10.31 -22.04 14.68
CA TRP A 54 -9.91 -20.71 15.12
C TRP A 54 -10.61 -19.64 14.29
N VAL A 55 -10.62 -19.82 12.96
CA VAL A 55 -11.39 -18.93 12.08
C VAL A 55 -12.84 -18.88 12.51
N LYS A 56 -13.42 -20.05 12.82
CA LYS A 56 -14.84 -20.13 13.14
C LYS A 56 -15.18 -19.28 14.37
N LYS A 57 -14.36 -19.38 15.42
CA LYS A 57 -14.62 -18.65 16.65
C LYS A 57 -14.29 -17.17 16.49
N TYR A 58 -13.15 -16.85 15.86
CA TYR A 58 -12.82 -15.47 15.54
C TYR A 58 -13.96 -14.80 14.78
N LYS A 59 -14.45 -15.45 13.72
CA LYS A 59 -15.57 -14.92 12.96
C LYS A 59 -16.85 -14.88 13.79
N LYS A 60 -17.09 -15.93 14.60
CA LYS A 60 -18.32 -16.01 15.38
C LYS A 60 -18.44 -14.85 16.35
N ASN A 61 -17.40 -14.59 17.13
CA ASN A 61 -17.42 -13.56 18.17
C ASN A 61 -16.98 -12.18 17.66
N SER A 62 -16.80 -12.05 16.35
CA SER A 62 -16.40 -10.77 15.73
C SER A 62 -15.19 -10.16 16.43
N TYR A 63 -14.17 -11.00 16.65
CA TYR A 63 -12.99 -10.54 17.37
C TYR A 63 -12.17 -9.50 16.60
N HIS A 64 -12.39 -9.35 15.28
CA HIS A 64 -11.67 -8.31 14.56
C HIS A 64 -12.00 -6.92 15.08
N LEU A 65 -13.18 -6.76 15.70
CA LEU A 65 -13.57 -5.46 16.22
C LEU A 65 -12.78 -5.05 17.47
N ILE A 66 -12.25 -6.02 18.21
CA ILE A 66 -11.51 -5.77 19.45
C ILE A 66 -10.07 -6.28 19.38
N ASP A 67 -9.63 -6.83 18.27
CA ASP A 67 -8.29 -7.37 18.19
C ASP A 67 -7.26 -6.23 18.22
N PRO A 68 -6.38 -6.18 19.24
CA PRO A 68 -5.37 -5.10 19.30
C PRO A 68 -4.57 -4.95 18.03
N VAL A 69 -4.30 -6.06 17.35
CA VAL A 69 -3.53 -6.04 16.10
C VAL A 69 -4.32 -5.32 15.00
N ILE A 70 -5.61 -5.63 14.86
CA ILE A 70 -6.42 -4.98 13.83
C ILE A 70 -6.67 -3.52 14.19
N LEU A 71 -6.91 -3.23 15.47
CA LEU A 71 -7.13 -1.85 15.88
C LEU A 71 -5.88 -1.01 15.64
N THR A 72 -4.70 -1.62 15.74
CA THR A 72 -3.47 -0.92 15.40
C THR A 72 -3.33 -0.75 13.90
N ALA A 73 -3.74 -1.77 13.13
CA ALA A 73 -3.60 -1.73 11.68
C ALA A 73 -4.36 -0.55 11.06
N LYS A 74 -5.49 -0.17 11.68
CA LYS A 74 -6.29 0.95 11.20
C LYS A 74 -5.54 2.27 11.27
N ASP A 75 -4.57 2.39 12.17
CA ASP A 75 -3.76 3.61 12.23
C ASP A 75 -2.47 3.50 11.42
N LYS A 76 -2.25 2.39 10.73
CA LYS A 76 -0.96 2.11 10.14
C LYS A 76 -1.02 2.14 8.62
N VAL A 77 0.16 2.38 8.06
CA VAL A 77 0.36 2.13 6.65
C VAL A 77 1.55 1.22 6.39
N ALA A 78 2.47 1.08 7.37
CA ALA A 78 3.71 0.30 7.36
C ALA A 78 3.54 -1.00 8.16
N PRO A 79 4.27 -2.07 7.81
CA PRO A 79 4.15 -3.32 8.56
C PRO A 79 4.62 -3.17 10.00
N PHE A 80 4.10 -4.04 10.89
CA PHE A 80 4.48 -3.96 12.30
C PHE A 80 4.40 -5.33 12.95
N ALA A 81 5.11 -5.48 14.07
CA ALA A 81 5.13 -6.75 14.79
C ALA A 81 4.05 -6.71 15.84
N TRP A 82 3.52 -7.89 16.19
CA TRP A 82 2.44 -7.96 17.18
C TRP A 82 2.90 -7.56 18.57
N ASP A 83 4.19 -7.57 18.86
CA ASP A 83 4.64 -7.13 20.17
C ASP A 83 5.15 -5.69 20.16
N ASP A 84 4.86 -4.93 19.11
CA ASP A 84 5.20 -3.51 19.08
C ASP A 84 4.42 -2.77 20.16
N ASN A 85 4.98 -1.65 20.62
CA ASN A 85 4.36 -0.93 21.74
C ASN A 85 2.95 -0.46 21.38
N SER A 86 2.73 -0.05 20.14
CA SER A 86 1.41 0.43 19.77
C SER A 86 0.34 -0.66 19.88
N VAL A 87 0.72 -1.92 19.67
CA VAL A 87 -0.23 -3.02 19.90
C VAL A 87 -0.44 -3.26 21.39
N ILE A 88 0.66 -3.33 22.14
CA ILE A 88 0.56 -3.58 23.58
C ILE A 88 -0.31 -2.52 24.24
N ASN A 89 -0.11 -1.25 23.86
CA ASN A 89 -0.88 -0.13 24.40
C ASN A 89 -2.38 -0.25 24.14
N LYS A 90 -2.81 -1.25 23.38
CA LYS A 90 -4.23 -1.59 23.23
C LYS A 90 -4.58 -2.93 23.86
N LYS A 91 -3.62 -3.67 24.37
CA LYS A 91 -3.89 -4.96 24.99
C LYS A 91 -4.31 -4.78 26.44
N SER A 95 -9.99 -9.14 26.44
CA SER A 95 -8.98 -10.15 26.74
C SER A 95 -9.36 -11.50 26.12
N ALA A 96 -10.59 -11.60 25.64
CA ALA A 96 -11.08 -12.86 25.08
C ALA A 96 -10.31 -13.23 23.81
N VAL A 97 -10.00 -12.25 22.96
CA VAL A 97 -9.26 -12.53 21.73
C VAL A 97 -7.83 -12.98 22.06
N PHE A 98 -7.25 -12.43 23.12
CA PHE A 98 -5.92 -12.91 23.55
C PHE A 98 -5.96 -14.37 23.94
N LYS A 99 -6.89 -14.73 24.83
CA LYS A 99 -7.00 -16.12 25.28
C LYS A 99 -7.19 -17.06 24.09
N LEU A 100 -8.16 -16.74 23.22
CA LEU A 100 -8.38 -17.58 22.04
C LEU A 100 -7.12 -17.73 21.22
N ALA A 101 -6.36 -16.64 21.06
CA ALA A 101 -5.13 -16.69 20.27
C ALA A 101 -4.13 -17.66 20.88
N ARG A 102 -4.00 -17.66 22.21
CA ARG A 102 -3.01 -18.53 22.85
C ARG A 102 -3.34 -20.01 22.65
N GLU A 103 -4.63 -20.35 22.50
CA GLU A 103 -5.02 -21.75 22.43
C GLU A 103 -4.55 -22.41 21.15
N TYR A 104 -4.39 -21.64 20.07
CA TYR A 104 -3.96 -22.20 18.79
C TYR A 104 -2.52 -21.82 18.46
N ASN A 105 -1.76 -21.33 19.44
CA ASN A 105 -0.33 -21.03 19.29
C ASN A 105 -0.07 -19.97 18.20
N ILE A 106 -0.91 -18.94 18.20
CA ILE A 106 -0.76 -17.83 17.24
C ILE A 106 -0.25 -16.61 18.01
N VAL A 107 1.08 -16.54 18.17
CA VAL A 107 1.68 -15.82 19.29
C VAL A 107 2.39 -14.55 18.86
N ASN A 108 3.48 -14.72 18.12
CA ASN A 108 4.39 -13.61 17.81
C ASN A 108 4.43 -13.49 16.30
N GLY A 109 3.67 -12.56 15.77
CA GLY A 109 3.61 -12.44 14.33
C GLY A 109 3.84 -11.03 13.86
N TYR A 110 3.48 -10.78 12.60
CA TYR A 110 3.67 -9.50 11.92
C TYR A 110 2.44 -9.22 11.10
N THR A 111 2.11 -7.94 10.94
CA THR A 111 0.96 -7.57 10.13
C THR A 111 1.39 -6.58 9.06
N PHE A 112 0.94 -6.83 7.83
CA PHE A 112 1.12 -5.96 6.69
C PHE A 112 -0.24 -5.39 6.35
N VAL A 113 -0.30 -4.08 6.05
CA VAL A 113 -1.57 -3.36 5.99
C VAL A 113 -1.72 -2.70 4.64
N LEU A 114 -2.98 -2.61 4.19
CA LEU A 114 -3.33 -1.96 2.95
C LEU A 114 -4.73 -1.36 3.06
N HIS A 115 -4.89 -0.11 2.64
CA HIS A 115 -6.22 0.43 2.41
C HIS A 115 -6.42 0.62 0.91
N ASP A 116 -7.67 0.54 0.45
CA ASP A 116 -7.97 0.78 -0.96
C ASP A 116 -8.98 1.91 -1.07
N ASN A 117 -9.39 2.21 -2.30
CA ASN A 117 -10.30 3.32 -2.52
C ASN A 117 -11.77 2.91 -2.45
N SER A 118 -12.06 1.66 -2.15
CA SER A 118 -13.42 1.23 -1.88
C SER A 118 -13.68 1.11 -0.38
N ASN A 119 -12.83 1.75 0.44
CA ASN A 119 -12.94 1.71 1.89
C ASN A 119 -12.80 0.29 2.44
N ASN A 120 -12.06 -0.56 1.73
CA ASN A 120 -11.60 -1.79 2.34
C ASN A 120 -10.31 -1.57 3.10
N ALA A 122 -7.30 -4.16 4.06
CA ALA A 122 -6.78 -5.51 3.93
C ALA A 122 -5.55 -5.65 4.81
N THR A 123 -5.46 -6.76 5.54
CA THR A 123 -4.25 -7.07 6.29
C THR A 123 -3.80 -8.48 5.96
N LEU A 124 -2.49 -8.67 5.91
CA LEU A 124 -1.88 -9.99 5.82
C LEU A 124 -1.18 -10.19 7.16
N ASN A 125 -1.69 -11.12 7.94
CA ASN A 125 -1.18 -11.40 9.28
C ASN A 125 -0.44 -12.72 9.27
N ILE A 126 0.81 -12.71 9.74
CA ILE A 126 1.76 -13.81 9.51
C ILE A 126 2.40 -14.22 10.82
N SER A 127 2.39 -15.53 11.12
CA SER A 127 3.07 -16.07 12.29
C SER A 127 3.81 -17.34 11.92
N ASN A 128 4.75 -17.71 12.78
CA ASN A 128 5.65 -18.82 12.49
C ASN A 128 4.90 -20.14 12.49
N GLY A 129 5.32 -21.04 11.62
CA GLY A 129 4.79 -22.40 11.63
C GLY A 129 5.73 -23.35 12.34
N SER A 130 6.47 -24.14 11.55
CA SER A 130 7.32 -25.18 12.10
C SER A 130 8.73 -24.70 12.41
N ASP A 131 9.20 -23.68 11.70
CA ASP A 131 10.57 -23.20 11.84
C ASP A 131 10.84 -22.75 13.27
N ASP A 132 12.11 -22.49 13.56
CA ASP A 132 12.46 -21.89 14.83
C ASP A 132 12.12 -20.40 14.80
N SER A 133 11.89 -19.86 15.99
CA SER A 133 11.37 -18.50 16.09
C SER A 133 12.35 -17.47 15.52
N ILE A 134 13.66 -17.72 15.65
CA ILE A 134 14.65 -16.72 15.26
C ILE A 134 14.78 -16.64 13.74
N SER A 135 14.84 -17.79 13.07
CA SER A 135 14.97 -17.77 11.61
C SER A 135 13.72 -17.24 10.94
N PHE A 136 12.55 -17.51 11.52
CA PHE A 136 11.33 -16.87 11.06
C PHE A 136 11.41 -15.35 11.18
N ASP A 137 11.86 -14.85 12.34
CA ASP A 137 11.93 -13.40 12.50
C ASP A 137 12.92 -12.78 11.51
N GLU A 138 14.09 -13.40 11.34
CA GLU A 138 15.03 -12.93 10.33
C GLU A 138 14.42 -13.01 8.93
N SER A 139 13.62 -14.04 8.67
CA SER A 139 13.02 -14.15 7.35
C SER A 139 12.04 -13.02 7.11
N ILE A 140 11.13 -12.79 8.07
CA ILE A 140 10.10 -11.78 7.84
C ILE A 140 10.74 -10.43 7.64
N GLU A 141 11.87 -10.17 8.29
CA GLU A 141 12.45 -8.84 8.24
C GLU A 141 13.31 -8.63 6.99
N ILE A 142 13.97 -9.68 6.49
CA ILE A 142 14.72 -9.47 5.25
C ILE A 142 13.79 -9.38 4.04
N ASN A 143 12.59 -9.96 4.15
CA ASN A 143 11.65 -10.08 3.03
C ASN A 143 10.43 -9.17 3.17
N LYS A 144 10.43 -8.19 4.09
CA LYS A 144 9.20 -7.45 4.37
C LYS A 144 8.70 -6.69 3.15
N GLU A 145 9.60 -6.15 2.30
CA GLU A 145 9.17 -5.45 1.10
C GLU A 145 8.47 -6.39 0.14
N LYS A 146 9.02 -7.59 -0.02
CA LYS A 146 8.41 -8.58 -0.91
C LYS A 146 7.05 -9.02 -0.39
N ILE A 147 6.94 -9.20 0.93
CA ILE A 147 5.68 -9.63 1.53
C ILE A 147 4.62 -8.51 1.44
N GLN A 148 5.03 -7.25 1.63
CA GLN A 148 4.09 -6.16 1.41
C GLN A 148 3.58 -6.18 -0.03
N LEU A 150 3.43 -8.76 -1.93
CA LEU A 150 2.53 -9.91 -2.09
C LEU A 150 1.12 -9.55 -1.64
N LEU A 151 0.98 -8.85 -0.52
CA LEU A 151 -0.34 -8.40 -0.09
C LEU A 151 -0.98 -7.48 -1.13
N ILE A 152 -0.21 -6.50 -1.65
CA ILE A 152 -0.72 -5.58 -2.66
C ILE A 152 -1.24 -6.32 -3.90
N LEU A 153 -0.48 -7.32 -4.37
CA LEU A 153 -0.84 -8.00 -5.62
C LEU A 153 -1.99 -8.98 -5.40
N THR A 154 -2.00 -9.65 -4.25
CA THR A 154 -3.17 -10.45 -3.87
C THR A 154 -4.43 -9.60 -3.87
N HIS A 155 -4.39 -8.44 -3.19
CA HIS A 155 -5.59 -7.61 -3.13
C HIS A 155 -5.98 -7.09 -4.51
N GLU A 156 -5.00 -6.65 -5.31
CA GLU A 156 -5.30 -6.23 -6.68
C GLU A 156 -5.95 -7.37 -7.45
N LYS A 157 -5.45 -8.59 -7.27
CA LYS A 157 -6.02 -9.74 -7.99
C LYS A 157 -7.42 -10.06 -7.51
N LEU A 159 -9.70 -7.89 -6.13
CA LEU A 159 -10.58 -6.88 -6.68
C LEU A 159 -10.86 -7.13 -8.16
N GLY A 160 -9.83 -7.50 -8.91
CA GLY A 160 -10.00 -7.70 -10.34
C GLY A 160 -10.87 -8.89 -10.65
N LEU A 161 -10.79 -9.94 -9.84
CA LEU A 161 -11.63 -11.11 -10.08
C LEU A 161 -13.08 -10.82 -9.73
N TYR A 162 -13.32 -10.16 -8.59
CA TYR A 162 -14.70 -9.80 -8.25
C TYR A 162 -15.27 -8.82 -9.26
N GLN A 163 -14.43 -7.92 -9.79
CA GLN A 163 -14.89 -7.02 -10.85
C GLN A 163 -15.34 -7.80 -12.07
N SER A 164 -14.53 -8.76 -12.52
CA SER A 164 -14.87 -9.56 -13.69
C SER A 164 -16.16 -10.34 -13.46
N ASN A 165 -16.28 -10.95 -12.28
CA ASN A 165 -17.46 -11.78 -12.00
C ASN A 165 -18.72 -10.93 -12.02
N SER A 166 -18.65 -9.70 -11.50
CA SER A 166 -19.81 -8.81 -11.52
C SER A 166 -20.18 -8.40 -12.94
N ASP A 167 -19.18 -8.14 -13.78
CA ASP A 167 -19.46 -7.69 -15.14
C ASP A 167 -20.09 -8.80 -15.97
N LYS A 168 -19.61 -10.03 -15.85
CA LYS A 168 -20.17 -11.13 -16.63
C LYS A 168 -21.56 -11.55 -16.15
N ASN A 169 -22.01 -11.03 -15.01
CA ASN A 169 -23.34 -11.36 -14.48
C ASN A 169 -24.40 -10.43 -15.07
N TYR B 5 -4.25 21.15 5.33
CA TYR B 5 -3.94 19.83 5.89
C TYR B 5 -2.41 19.60 5.93
N PHE B 6 -1.76 19.49 4.77
CA PHE B 6 -0.31 19.30 4.74
C PHE B 6 0.40 20.54 4.20
N ASP B 7 0.27 21.66 4.91
CA ASP B 7 0.74 22.96 4.43
C ASP B 7 2.01 23.45 5.11
N ASN B 8 2.70 22.61 5.88
CA ASN B 8 3.83 23.05 6.70
C ASN B 8 5.12 22.96 5.89
N GLU B 9 5.68 24.12 5.56
CA GLU B 9 6.80 24.15 4.62
C GLU B 9 8.05 23.47 5.19
N SER B 10 8.30 23.62 6.49
CA SER B 10 9.54 23.05 7.02
C SER B 10 9.44 21.53 7.12
N ILE B 11 8.27 20.99 7.47
CA ILE B 11 8.11 19.54 7.40
C ILE B 11 8.29 19.05 5.97
N ASN B 12 7.69 19.75 5.01
CA ASN B 12 7.73 19.27 3.64
C ASN B 12 9.16 19.29 3.10
N GLU B 13 9.98 20.25 3.53
CA GLU B 13 11.40 20.21 3.13
C GLU B 13 12.14 19.02 3.74
N ASP B 14 11.81 18.64 4.99
CA ASP B 14 12.40 17.44 5.56
C ASP B 14 11.98 16.18 4.79
N ILE B 15 10.72 16.11 4.39
CA ILE B 15 10.26 14.95 3.64
C ILE B 15 10.98 14.89 2.30
N LYS B 16 11.14 16.05 1.65
CA LYS B 16 11.83 16.11 0.37
C LYS B 16 13.25 15.56 0.48
N ASN B 17 14.00 16.01 1.49
CA ASN B 17 15.36 15.48 1.70
C ASN B 17 15.32 13.98 1.98
N TYR B 18 14.35 13.53 2.77
CA TYR B 18 14.24 12.10 3.05
C TYR B 18 14.05 11.30 1.76
N ILE B 19 13.11 11.72 0.91
CA ILE B 19 12.88 11.03 -0.35
C ILE B 19 14.13 11.04 -1.20
N GLN B 20 14.73 12.24 -1.36
CA GLN B 20 15.80 12.40 -2.34
C GLN B 20 17.04 11.61 -1.97
N ARG B 21 17.32 11.47 -0.69
CA ARG B 21 18.48 10.68 -0.28
C ARG B 21 18.32 9.21 -0.64
N ARG B 22 17.09 8.70 -0.60
CA ARG B 22 16.85 7.27 -0.81
C ARG B 22 16.51 6.90 -2.24
N ILE B 23 15.84 7.81 -2.96
CA ILE B 23 15.44 7.52 -4.33
C ILE B 23 16.66 7.35 -5.25
N LYS B 24 17.80 7.93 -4.90
CA LYS B 24 18.95 7.83 -5.80
C LYS B 24 19.55 6.43 -5.83
N ALA B 25 19.22 5.57 -4.87
CA ALA B 25 19.60 4.16 -4.99
C ALA B 25 19.18 3.53 -6.31
N TYR B 26 18.15 4.06 -6.97
CA TYR B 26 17.59 3.40 -8.13
C TYR B 26 18.01 4.04 -9.45
N GLY B 27 18.82 5.10 -9.42
CA GLY B 27 19.33 5.78 -10.60
C GLY B 27 19.13 7.28 -10.47
N ASP B 28 19.27 8.00 -11.58
CA ASP B 28 19.01 9.44 -11.57
C ASP B 28 17.54 9.66 -11.90
N LEU B 29 16.71 9.65 -10.86
CA LEU B 29 15.27 9.67 -11.03
C LEU B 29 14.74 11.09 -10.87
N ARG B 30 13.81 11.47 -11.72
CA ARG B 30 12.92 12.57 -11.40
C ARG B 30 11.68 11.97 -10.74
N TYR B 31 11.13 12.69 -9.75
CA TYR B 31 10.00 12.16 -9.00
C TYR B 31 9.06 13.29 -8.60
N SER B 32 7.80 12.93 -8.39
CA SER B 32 6.91 13.76 -7.59
C SER B 32 6.19 12.89 -6.57
N TYR B 33 6.11 13.40 -5.35
CA TYR B 33 5.32 12.81 -4.28
C TYR B 33 4.11 13.72 -4.10
N LEU B 34 2.93 13.22 -4.47
CA LEU B 34 1.69 13.98 -4.47
C LEU B 34 0.74 13.32 -3.49
N VAL B 35 0.24 14.09 -2.52
CA VAL B 35 -0.69 13.62 -1.50
C VAL B 35 -1.99 14.39 -1.65
N ASN B 37 -6.16 14.59 -0.54
CA ASN B 37 -7.33 14.12 0.21
C ASN B 37 -8.45 13.83 -0.78
N LYS B 38 -9.00 12.63 -0.74
CA LYS B 38 -9.98 12.29 -1.76
C LYS B 38 -11.34 12.91 -1.50
N LYS B 39 -11.60 13.44 -0.32
CA LYS B 39 -12.86 14.16 -0.14
C LYS B 39 -12.75 15.64 -0.49
N THR B 40 -11.56 16.22 -0.37
CA THR B 40 -11.33 17.63 -0.69
C THR B 40 -10.07 17.70 -1.55
N PRO B 41 -10.16 17.33 -2.83
CA PRO B 41 -8.95 17.07 -3.62
C PRO B 41 -8.40 18.27 -4.39
N LEU B 42 -8.83 19.48 -4.07
CA LEU B 42 -8.47 20.59 -4.95
C LEU B 42 -7.01 21.03 -4.79
N HIS B 43 -6.44 20.90 -3.59
CA HIS B 43 -5.11 21.46 -3.29
C HIS B 43 -4.22 20.37 -2.73
N PRO B 44 -3.66 19.53 -3.58
CA PRO B 44 -2.78 18.46 -3.08
C PRO B 44 -1.43 19.02 -2.68
N THR B 45 -0.73 18.26 -1.85
CA THR B 45 0.66 18.56 -1.52
C THR B 45 1.57 17.94 -2.56
N ILE B 46 2.49 18.72 -3.11
CA ILE B 46 3.38 18.23 -4.14
C ILE B 46 4.81 18.49 -3.68
N ILE B 47 5.58 17.41 -3.52
CA ILE B 47 7.00 17.47 -3.21
C ILE B 47 7.72 16.79 -4.36
N SER B 48 8.67 17.49 -4.99
CA SER B 48 9.12 17.05 -6.31
C SER B 48 10.47 17.67 -6.68
N ASN B 49 11.25 16.95 -7.50
CA ASN B 49 12.41 17.54 -8.15
C ASN B 49 12.19 17.77 -9.65
N TYR B 50 10.94 17.78 -10.12
CA TYR B 50 10.67 18.22 -11.48
C TYR B 50 11.00 19.71 -11.63
N PRO B 51 11.14 20.20 -12.86
CA PRO B 51 11.41 21.64 -13.05
C PRO B 51 10.35 22.49 -12.36
N LEU B 52 10.82 23.57 -11.74
CA LEU B 52 9.92 24.45 -10.99
C LEU B 52 8.77 24.93 -11.85
N ASP B 53 9.04 25.25 -13.12
CA ASP B 53 8.01 25.76 -14.00
C ASP B 53 6.94 24.71 -14.27
N TRP B 54 7.33 23.44 -14.40
CA TRP B 54 6.32 22.38 -14.55
C TRP B 54 5.39 22.37 -13.35
N VAL B 55 5.96 22.39 -12.14
CA VAL B 55 5.19 22.33 -10.90
C VAL B 55 4.22 23.51 -10.82
N LYS B 56 4.68 24.71 -11.19
CA LYS B 56 3.84 25.90 -11.10
C LYS B 56 2.65 25.82 -12.04
N LYS B 57 2.88 25.44 -13.30
CA LYS B 57 1.76 25.29 -14.25
C LYS B 57 0.82 24.18 -13.82
N TYR B 58 1.37 23.07 -13.30
CA TYR B 58 0.54 21.95 -12.86
C TYR B 58 -0.38 22.37 -11.72
N LYS B 59 0.14 23.14 -10.75
CA LYS B 59 -0.68 23.61 -9.65
C LYS B 59 -1.70 24.64 -10.12
N LYS B 60 -1.23 25.64 -10.88
CA LYS B 60 -2.09 26.75 -11.26
C LYS B 60 -3.32 26.28 -12.04
N ASN B 61 -3.17 25.27 -12.89
CA ASN B 61 -4.28 24.77 -13.67
C ASN B 61 -5.00 23.59 -13.01
N SER B 62 -4.63 23.23 -11.78
CA SER B 62 -5.20 22.07 -11.09
C SER B 62 -5.20 20.83 -11.98
N TYR B 63 -4.04 20.56 -12.61
CA TYR B 63 -3.98 19.50 -13.61
C TYR B 63 -4.18 18.12 -13.03
N HIS B 64 -3.92 17.94 -11.73
CA HIS B 64 -4.14 16.63 -11.12
C HIS B 64 -5.59 16.18 -11.28
N LEU B 65 -6.52 17.13 -11.38
CA LEU B 65 -7.94 16.78 -11.55
C LEU B 65 -8.23 16.13 -12.89
N ILE B 66 -7.39 16.35 -13.89
CA ILE B 66 -7.61 15.71 -15.17
C ILE B 66 -6.39 14.86 -15.59
N ASP B 67 -5.47 14.60 -14.67
CA ASP B 67 -4.27 13.85 -15.01
C ASP B 67 -4.57 12.35 -15.09
N PRO B 68 -4.49 11.72 -16.27
CA PRO B 68 -4.80 10.29 -16.38
C PRO B 68 -4.02 9.42 -15.40
N VAL B 69 -2.79 9.80 -15.06
CA VAL B 69 -2.03 9.03 -14.08
C VAL B 69 -2.70 9.11 -12.70
N ILE B 70 -3.08 10.31 -12.29
CA ILE B 70 -3.73 10.48 -10.99
C ILE B 70 -5.10 9.83 -10.97
N LEU B 71 -5.84 9.96 -12.07
CA LEU B 71 -7.17 9.37 -12.14
C LEU B 71 -7.10 7.86 -12.11
N THR B 72 -6.05 7.28 -12.68
CA THR B 72 -5.83 5.84 -12.59
C THR B 72 -5.39 5.42 -11.19
N ALA B 73 -4.47 6.17 -10.59
CA ALA B 73 -3.98 5.83 -9.25
C ALA B 73 -5.12 5.78 -8.24
N LYS B 74 -6.09 6.70 -8.35
CA LYS B 74 -7.14 6.72 -7.35
C LYS B 74 -7.90 5.39 -7.26
N ASP B 75 -7.88 4.58 -8.31
CA ASP B 75 -8.57 3.30 -8.30
C ASP B 75 -7.66 2.09 -8.14
N LYS B 76 -6.41 2.28 -7.75
CA LYS B 76 -5.46 1.18 -7.73
C LYS B 76 -4.81 1.07 -6.37
N VAL B 77 -4.23 -0.11 -6.12
CA VAL B 77 -3.30 -0.29 -5.02
C VAL B 77 -1.92 -0.73 -5.48
N ALA B 78 -1.78 -1.32 -6.73
CA ALA B 78 -0.49 -1.83 -7.17
C ALA B 78 0.18 -0.83 -8.11
N PRO B 79 1.51 -0.82 -8.19
CA PRO B 79 2.17 0.15 -9.07
C PRO B 79 1.87 -0.13 -10.53
N PHE B 80 1.95 0.90 -11.36
CA PHE B 80 1.68 0.76 -12.77
C PHE B 80 2.60 1.69 -13.57
N ALA B 81 2.89 1.28 -14.79
CA ALA B 81 3.61 2.10 -15.75
C ALA B 81 2.65 3.06 -16.44
N TRP B 82 3.18 4.21 -16.89
CA TRP B 82 2.30 5.21 -17.52
C TRP B 82 1.78 4.79 -18.88
N ASP B 83 2.27 3.70 -19.47
CA ASP B 83 1.66 3.19 -20.69
C ASP B 83 0.67 2.06 -20.42
N ASP B 84 0.34 1.83 -19.13
N ASP B 84 0.36 1.78 -19.16
CA ASP B 84 -0.69 0.90 -18.70
CA ASP B 84 -0.57 0.70 -18.91
C ASP B 84 -2.00 1.15 -19.46
C ASP B 84 -1.96 1.09 -19.39
N ASN B 85 -2.75 0.07 -19.73
CA ASN B 85 -3.99 0.26 -20.48
C ASN B 85 -4.98 1.16 -19.75
N SER B 86 -4.97 1.17 -18.42
CA SER B 86 -5.88 2.07 -17.71
C SER B 86 -5.48 3.52 -17.91
N VAL B 87 -4.19 3.81 -18.04
CA VAL B 87 -3.78 5.20 -18.25
C VAL B 87 -4.11 5.64 -19.67
N ILE B 88 -3.99 4.73 -20.65
CA ILE B 88 -4.19 5.10 -22.05
C ILE B 88 -5.65 5.40 -22.35
N ASN B 89 -6.59 4.83 -21.57
CA ASN B 89 -8.01 5.02 -21.87
C ASN B 89 -8.48 6.42 -21.48
N LYS B 90 -8.07 6.93 -20.31
CA LYS B 90 -8.36 8.32 -19.96
C LYS B 90 -7.58 9.32 -20.79
N LYS B 91 -6.62 8.85 -21.59
CA LYS B 91 -5.84 9.73 -22.46
C LYS B 91 -6.69 10.32 -23.58
N SER B 92 -7.76 9.62 -23.95
CA SER B 92 -8.67 10.05 -25.02
C SER B 92 -9.40 11.33 -24.61
N SER B 95 -4.68 14.63 -22.35
CA SER B 95 -4.20 15.40 -23.50
C SER B 95 -3.38 16.60 -23.04
N ALA B 96 -4.07 17.61 -22.50
CA ALA B 96 -3.39 18.83 -22.05
C ALA B 96 -2.30 18.52 -21.02
N VAL B 97 -2.63 17.68 -20.04
CA VAL B 97 -1.62 17.27 -19.06
C VAL B 97 -0.46 16.55 -19.75
N PHE B 98 -0.76 15.75 -20.77
CA PHE B 98 0.33 15.02 -21.43
C PHE B 98 1.15 15.92 -22.36
N LYS B 99 0.56 16.99 -22.90
CA LYS B 99 1.34 17.98 -23.63
C LYS B 99 2.33 18.68 -22.71
N LEU B 100 1.87 19.14 -21.55
CA LEU B 100 2.76 19.76 -20.58
C LEU B 100 3.88 18.80 -20.18
N ALA B 101 3.55 17.54 -19.96
CA ALA B 101 4.55 16.56 -19.59
C ALA B 101 5.62 16.41 -20.68
N ARG B 102 5.17 16.21 -21.93
CA ARG B 102 6.10 16.07 -23.05
C ARG B 102 6.98 17.31 -23.22
N GLU B 103 6.44 18.48 -22.91
CA GLU B 103 7.22 19.71 -23.03
C GLU B 103 8.42 19.70 -22.09
N TYR B 104 8.32 19.00 -20.96
CA TYR B 104 9.39 18.93 -19.96
C TYR B 104 10.09 17.58 -19.93
N ASN B 105 9.97 16.79 -21.00
N ASN B 105 9.98 16.80 -21.01
CA ASN B 105 10.65 15.49 -21.13
CA ASN B 105 10.64 15.49 -21.14
C ASN B 105 10.19 14.49 -20.07
C ASN B 105 10.20 14.51 -20.06
N ILE B 106 8.93 14.59 -19.63
CA ILE B 106 8.38 13.68 -18.64
C ILE B 106 7.45 12.72 -19.36
N VAL B 107 7.95 11.60 -19.87
CA VAL B 107 7.09 10.79 -20.73
C VAL B 107 7.13 9.32 -20.35
N ASN B 108 8.27 8.86 -19.87
CA ASN B 108 8.46 7.46 -19.51
C ASN B 108 8.47 7.40 -17.99
N GLY B 109 7.62 6.58 -17.41
CA GLY B 109 7.50 6.69 -15.96
C GLY B 109 6.58 5.65 -15.36
N TYR B 110 6.54 5.67 -14.03
CA TYR B 110 5.79 4.74 -13.22
C TYR B 110 5.15 5.47 -12.05
N THR B 111 4.04 4.93 -11.55
CA THR B 111 3.40 5.45 -10.36
C THR B 111 3.17 4.35 -9.34
N PHE B 112 3.57 4.63 -8.10
CA PHE B 112 3.34 3.81 -6.92
C PHE B 112 2.27 4.51 -6.08
N VAL B 113 1.29 3.75 -5.56
CA VAL B 113 0.15 4.41 -4.92
C VAL B 113 -0.08 3.82 -3.54
N LEU B 114 -0.60 4.66 -2.66
CA LEU B 114 -0.94 4.28 -1.30
C LEU B 114 -2.21 5.01 -0.88
N HIS B 115 -3.17 4.29 -0.33
CA HIS B 115 -4.34 4.91 0.29
C HIS B 115 -4.28 4.70 1.80
N ASP B 116 -4.62 5.72 2.58
CA ASP B 116 -4.50 5.55 4.03
C ASP B 116 -5.89 5.59 4.66
N ASN B 117 -5.94 5.59 5.98
CA ASN B 117 -7.21 5.55 6.67
C ASN B 117 -7.77 6.95 6.95
N SER B 118 -7.13 8.00 6.44
CA SER B 118 -7.61 9.37 6.60
C SER B 118 -8.15 9.95 5.31
N ASN B 119 -8.53 9.10 4.34
CA ASN B 119 -9.02 9.53 3.03
C ASN B 119 -7.93 10.12 2.16
N ASN B 120 -6.67 9.98 2.52
CA ASN B 120 -5.61 10.48 1.66
C ASN B 120 -5.19 9.43 0.66
N ALA B 122 -1.68 8.89 -1.57
CA ALA B 122 -0.30 9.34 -1.78
C ALA B 122 0.25 8.60 -2.99
N THR B 123 0.90 9.33 -3.89
CA THR B 123 1.53 8.73 -5.06
C THR B 123 2.97 9.15 -5.10
N LEU B 124 3.83 8.22 -5.53
CA LEU B 124 5.23 8.52 -5.87
C LEU B 124 5.34 8.23 -7.36
N ASN B 125 5.53 9.28 -8.15
CA ASN B 125 5.56 9.20 -9.60
C ASN B 125 7.00 9.43 -10.02
N ILE B 126 7.56 8.52 -10.83
CA ILE B 126 8.99 8.56 -11.09
C ILE B 126 9.22 8.38 -12.59
N SER B 127 10.24 9.04 -13.11
CA SER B 127 10.52 9.00 -14.54
C SER B 127 12.01 9.24 -14.72
N ASN B 128 12.54 8.77 -15.86
CA ASN B 128 13.99 8.84 -16.06
C ASN B 128 14.40 10.25 -16.45
N GLY B 129 15.56 10.67 -15.96
CA GLY B 129 16.06 12.00 -16.24
C GLY B 129 17.31 11.97 -17.09
N SER B 130 18.43 11.57 -16.48
CA SER B 130 19.71 11.49 -17.15
C SER B 130 20.01 10.09 -17.69
N ASP B 131 19.02 9.21 -17.70
CA ASP B 131 19.26 7.80 -17.99
C ASP B 131 18.57 7.38 -19.29
N ASP B 132 19.12 6.34 -19.90
CA ASP B 132 18.44 5.68 -21.00
C ASP B 132 17.24 4.90 -20.46
N SER B 133 16.17 4.88 -21.26
CA SER B 133 14.91 4.38 -20.74
C SER B 133 14.96 2.88 -20.43
N ILE B 134 15.81 2.14 -21.15
CA ILE B 134 15.86 0.70 -20.97
C ILE B 134 16.44 0.35 -19.61
N SER B 135 17.58 0.93 -19.25
CA SER B 135 18.14 0.63 -17.95
C SER B 135 17.30 1.23 -16.83
N PHE B 136 16.66 2.38 -17.07
CA PHE B 136 15.72 2.91 -16.09
C PHE B 136 14.59 1.93 -15.83
N ASP B 137 13.93 1.44 -16.90
CA ASP B 137 12.83 0.51 -16.71
C ASP B 137 13.29 -0.75 -16.00
N GLU B 138 14.43 -1.32 -16.38
CA GLU B 138 14.88 -2.53 -15.72
C GLU B 138 15.15 -2.29 -14.24
N SER B 139 15.72 -1.13 -13.89
CA SER B 139 15.94 -0.84 -12.49
C SER B 139 14.62 -0.75 -11.72
N ILE B 140 13.59 -0.13 -12.31
CA ILE B 140 12.31 -0.06 -11.59
C ILE B 140 11.67 -1.43 -11.48
N GLU B 141 11.71 -2.23 -12.56
CA GLU B 141 11.12 -3.56 -12.53
C GLU B 141 11.78 -4.43 -11.47
N ILE B 142 13.08 -4.26 -11.27
CA ILE B 142 13.80 -5.09 -10.30
C ILE B 142 13.57 -4.62 -8.87
N ASN B 143 13.37 -3.30 -8.66
CA ASN B 143 13.31 -2.68 -7.34
C ASN B 143 11.90 -2.25 -6.95
N LYS B 144 10.89 -2.73 -7.66
CA LYS B 144 9.50 -2.33 -7.47
C LYS B 144 9.06 -2.43 -6.01
N GLU B 145 9.43 -3.52 -5.34
CA GLU B 145 9.00 -3.74 -3.96
C GLU B 145 9.67 -2.74 -3.03
N LYS B 146 10.94 -2.40 -3.30
CA LYS B 146 11.67 -1.47 -2.44
C LYS B 146 11.13 -0.06 -2.61
N ILE B 147 10.76 0.33 -3.83
CA ILE B 147 10.27 1.68 -4.06
C ILE B 147 8.89 1.87 -3.43
N GLN B 148 8.05 0.83 -3.50
CA GLN B 148 6.77 0.86 -2.80
C GLN B 148 6.97 1.04 -1.29
N LEU B 150 9.52 2.52 0.09
CA LEU B 150 9.91 3.91 0.27
C LEU B 150 8.69 4.83 0.34
N LEU B 151 7.71 4.62 -0.56
CA LEU B 151 6.50 5.40 -0.50
C LEU B 151 5.80 5.22 0.85
N ILE B 152 5.73 3.98 1.34
CA ILE B 152 5.03 3.69 2.58
C ILE B 152 5.73 4.36 3.77
N LEU B 153 7.06 4.29 3.81
CA LEU B 153 7.77 4.84 4.96
C LEU B 153 7.82 6.36 4.91
N THR B 154 7.84 6.95 3.70
CA THR B 154 7.73 8.41 3.57
C THR B 154 6.39 8.89 4.07
N HIS B 155 5.29 8.25 3.64
CA HIS B 155 3.97 8.69 4.08
C HIS B 155 3.82 8.53 5.58
N GLU B 156 4.24 7.39 6.13
CA GLU B 156 4.25 7.19 7.57
C GLU B 156 5.05 8.28 8.28
N LYS B 157 6.23 8.61 7.75
CA LYS B 157 7.03 9.66 8.37
C LYS B 157 6.29 11.00 8.36
N LEU B 159 3.03 11.68 8.16
CA LEU B 159 1.90 11.66 9.07
C LEU B 159 2.37 11.83 10.52
N GLY B 160 3.50 11.22 10.89
CA GLY B 160 3.98 11.36 12.25
C GLY B 160 4.45 12.77 12.55
N LEU B 161 5.07 13.43 11.57
CA LEU B 161 5.55 14.78 11.81
C LEU B 161 4.38 15.74 11.94
N TYR B 162 3.33 15.53 11.15
CA TYR B 162 2.17 16.43 11.27
C TYR B 162 1.39 16.17 12.55
N GLN B 163 1.23 14.90 12.95
CA GLN B 163 0.63 14.66 14.26
C GLN B 163 1.45 15.33 15.37
N SER B 164 2.78 15.22 15.30
CA SER B 164 3.65 15.81 16.33
C SER B 164 3.57 17.33 16.33
N ASN B 165 3.44 17.95 15.15
CA ASN B 165 3.39 19.41 15.07
C ASN B 165 2.05 19.93 15.58
N SER B 166 0.95 19.22 15.33
CA SER B 166 -0.34 19.64 15.85
C SER B 166 -0.40 19.51 17.37
N ASP B 167 0.23 18.46 17.92
CA ASP B 167 0.27 18.26 19.37
C ASP B 167 1.03 19.38 20.07
N LYS B 168 2.15 19.82 19.49
CA LYS B 168 2.92 20.91 20.06
C LYS B 168 2.13 22.22 20.05
N ASN B 169 1.27 22.40 19.05
CA ASN B 169 0.42 23.60 18.93
C ASN B 169 -1.00 23.36 19.42
#